data_3AX8
#
_entry.id   3AX8
#
_cell.length_a   44.489
_cell.length_b   51.585
_cell.length_c   132.017
_cell.angle_alpha   90.00
_cell.angle_beta   90.00
_cell.angle_gamma   90.00
#
_symmetry.space_group_name_H-M   'P 21 21 21'
#
loop_
_entity.id
_entity.type
_entity.pdbx_description
1 polymer 'Vitamin D3 receptor'
2 non-polymer (1R,3S,5Z)-5-[(2E)-2-[(1R,3S,3aS,7aR)-1-[(2R)-6-hydroxy-6-methyl-heptan-2-yl]-3-methoxy-7a-methyl-2,3,3a,5,6,7-hexahydro-1H-inden-4-ylidene]ethylidene]-4-methylidene-cyclohexane-1,3-diol
3 water water
#
_entity_poly.entity_id   1
_entity_poly.type   'polypeptide(L)'
_entity_poly.pdbx_seq_one_letter_code
;GSHMDSLRPKLSEEQQRIIAILLDAHHKTYDPTYSDFCQFRPPVRVNDGGGSVTLELSQLSMLPHLADLVSYSIQKVIGF
AKMIPGFRDLTSEDQIVLLKSSAIEVIMLRSNESFTMDDMSWTCGNQDYKYRVSDVTKAGHSLELIEPLIKFQVGLKKLN
LHEEEHVLLMAICIVSPDRPGVQDAALIEAIQDRLSNTLQTYIRCRHPPPGSHLLYAKMIQKLADLRSLNEEHSKQYRCL
SFQPECSMKLTPLVLEVFGNEIS
;
_entity_poly.pdbx_strand_id   A
#
loop_
_chem_comp.id
_chem_comp.type
_chem_comp.name
_chem_comp.formula
EIM non-polymer (1R,3S,5Z)-5-[(2E)-2-[(1R,3S,3aS,7aR)-1-[(2R)-6-hydroxy-6-methyl-heptan-2-yl]-3-methoxy-7a-methyl-2,3,3a,5,6,7-hexahydro-1H-inden-4-ylidene]ethylidene]-4-methylidene-cyclohexane-1,3-diol 'C28 H46 O4'
#
# COMPACT_ATOMS: atom_id res chain seq x y z
N ASP A 5 27.44 -11.63 20.17
CA ASP A 5 27.77 -10.18 20.03
C ASP A 5 26.50 -9.31 20.03
N SER A 6 25.43 -9.82 19.41
CA SER A 6 24.22 -9.04 19.17
C SER A 6 23.50 -8.54 20.43
N LEU A 7 23.60 -7.23 20.69
CA LEU A 7 22.87 -6.55 21.76
C LEU A 7 21.41 -6.47 21.39
N ARG A 8 20.52 -6.57 22.37
CA ARG A 8 19.09 -6.59 22.08
C ARG A 8 18.33 -5.62 22.97
N PRO A 9 18.55 -4.29 22.78
CA PRO A 9 17.90 -3.33 23.66
C PRO A 9 16.42 -3.60 23.75
N LYS A 10 15.85 -3.40 24.93
CA LYS A 10 14.42 -3.63 25.09
C LYS A 10 13.66 -2.51 24.37
N LEU A 11 12.44 -2.82 23.92
CA LEU A 11 11.54 -1.79 23.43
C LEU A 11 11.35 -0.77 24.57
N SER A 12 11.43 0.51 24.25
CA SER A 12 11.20 1.55 25.22
C SER A 12 9.69 1.76 25.41
N GLU A 13 9.29 2.40 26.51
CA GLU A 13 7.89 2.72 26.77
C GLU A 13 7.24 3.44 25.60
N GLU A 14 7.98 4.40 25.04
CA GLU A 14 7.55 5.18 23.88
C GLU A 14 7.37 4.25 22.66
N GLN A 15 8.32 3.34 22.45
CA GLN A 15 8.27 2.44 21.32
C GLN A 15 7.08 1.51 21.42
N GLN A 16 6.89 0.88 22.58
CA GLN A 16 5.68 0.09 22.82
C GLN A 16 4.39 0.89 22.56
N ARG A 17 4.42 2.19 22.88
CA ARG A 17 3.26 3.03 22.70
C ARG A 17 3.03 3.26 21.21
N ILE A 18 4.12 3.51 20.49
CA ILE A 18 4.09 3.70 19.04
C ILE A 18 3.44 2.52 18.32
N ILE A 19 3.87 1.32 18.66
CA ILE A 19 3.27 0.09 18.14
C ILE A 19 1.78 0.05 18.50
N ALA A 20 1.44 0.27 19.77
CA ALA A 20 0.02 0.25 20.18
C ALA A 20 -0.81 1.19 19.30
N ILE A 21 -0.30 2.41 19.10
CA ILE A 21 -1.01 3.45 18.37
C ILE A 21 -1.22 3.07 16.91
N LEU A 22 -0.17 2.47 16.31
CA LEU A 22 -0.17 2.09 14.91
C LEU A 22 -1.08 0.89 14.70
N LEU A 23 -1.07 -0.06 15.63
CA LEU A 23 -2.00 -1.18 15.62
C LEU A 23 -3.44 -0.68 15.69
N ASP A 24 -3.70 0.25 16.60
CA ASP A 24 -5.02 0.79 16.72
C ASP A 24 -5.44 1.54 15.45
N ALA A 25 -4.51 2.30 14.84
CA ALA A 25 -4.85 3.03 13.61
C ALA A 25 -5.21 2.07 12.48
N HIS A 26 -4.43 1.00 12.33
CA HIS A 26 -4.68 0.08 11.23
C HIS A 26 -6.00 -0.60 11.41
N HIS A 27 -6.35 -0.91 12.66
CA HIS A 27 -7.59 -1.63 13.00
C HIS A 27 -8.81 -0.75 12.76
N LYS A 28 -8.60 0.56 12.77
CA LYS A 28 -9.65 1.55 12.60
C LYS A 28 -9.88 1.87 11.14
N THR A 29 -8.85 1.58 10.34
CA THR A 29 -8.86 1.91 8.92
C THR A 29 -8.66 0.73 7.94
N TYR A 30 -8.56 -0.50 8.44
CA TYR A 30 -8.53 -1.67 7.56
C TYR A 30 -9.55 -2.72 8.02
N ASP A 31 -10.73 -2.66 7.43
CA ASP A 31 -11.79 -3.62 7.68
C ASP A 31 -11.43 -5.02 7.12
N PRO A 32 -11.14 -6.00 7.99
CA PRO A 32 -10.71 -7.33 7.55
C PRO A 32 -11.85 -8.19 7.03
N THR A 33 -13.08 -7.64 7.08
CA THR A 33 -14.23 -8.33 6.51
C THR A 33 -14.60 -7.80 5.12
N TYR A 34 -14.18 -6.58 4.77
CA TYR A 34 -14.41 -6.02 3.41
C TYR A 34 -15.92 -5.75 3.13
N SER A 35 -16.64 -5.54 4.21
CA SER A 35 -18.07 -5.39 4.16
C SER A 35 -18.53 -4.12 3.45
N ASP A 36 -17.62 -3.19 3.19
CA ASP A 36 -17.93 -2.00 2.38
C ASP A 36 -17.82 -2.22 0.88
N PHE A 37 -17.09 -3.24 0.42
CA PHE A 37 -16.85 -3.35 -1.02
C PHE A 37 -18.12 -3.33 -1.86
N CYS A 38 -19.24 -3.77 -1.27
CA CYS A 38 -20.50 -3.88 -2.00
C CYS A 38 -21.12 -2.53 -2.30
N GLN A 39 -20.60 -1.48 -1.66
CA GLN A 39 -21.02 -0.10 -1.93
C GLN A 39 -20.34 0.49 -3.17
N PHE A 40 -19.25 -0.13 -3.64
CA PHE A 40 -18.60 0.34 -4.87
C PHE A 40 -19.45 0.04 -6.12
N ARG A 41 -19.18 0.76 -7.22
CA ARG A 41 -19.74 0.38 -8.52
C ARG A 41 -19.43 -1.12 -8.79
N PRO A 42 -20.45 -1.88 -9.23
CA PRO A 42 -20.26 -3.34 -9.26
C PRO A 42 -19.09 -3.79 -10.13
N PRO A 43 -18.45 -4.91 -9.76
CA PRO A 43 -17.44 -5.43 -10.70
C PRO A 43 -18.14 -6.01 -11.95
N VAL A 44 -17.54 -5.82 -13.12
CA VAL A 44 -18.03 -6.40 -14.36
C VAL A 44 -16.88 -7.17 -14.99
N ARG A 45 -17.12 -8.45 -15.27
CA ARG A 45 -16.14 -9.28 -15.96
C ARG A 45 -16.71 -9.82 -17.28
N VAL A 46 -16.43 -9.12 -18.38
CA VAL A 46 -16.85 -9.57 -19.72
C VAL A 46 -15.65 -10.07 -20.53
N ASN A 47 -15.79 -11.28 -21.07
CA ASN A 47 -14.70 -12.07 -21.68
C ASN A 47 -13.65 -11.30 -22.48
N ASP A 48 -12.38 -11.51 -22.13
CA ASP A 48 -11.28 -10.79 -22.77
C ASP A 48 -10.05 -11.65 -23.07
N GLY A 49 -10.15 -12.96 -22.78
CA GLY A 49 -9.04 -13.91 -22.95
C GLY A 49 -8.10 -13.61 -24.12
N SER A 52 -7.19 -9.15 -24.81
CA SER A 52 -7.04 -8.16 -25.88
C SER A 52 -6.89 -6.75 -25.35
N VAL A 53 -5.79 -6.08 -25.69
CA VAL A 53 -5.55 -4.73 -25.14
C VAL A 53 -6.61 -3.75 -25.67
N THR A 54 -6.89 -3.83 -26.97
CA THR A 54 -7.95 -3.08 -27.62
C THR A 54 -9.31 -3.19 -26.93
N LEU A 55 -9.73 -4.43 -26.62
CA LEU A 55 -10.96 -4.72 -25.89
C LEU A 55 -10.90 -4.18 -24.47
N GLU A 56 -9.81 -4.48 -23.74
CA GLU A 56 -9.57 -3.89 -22.40
C GLU A 56 -9.95 -2.45 -22.37
N LEU A 57 -9.25 -1.67 -23.20
CA LEU A 57 -9.40 -0.23 -23.22
C LEU A 57 -10.79 0.18 -23.74
N SER A 58 -11.35 -0.62 -24.63
CA SER A 58 -12.67 -0.39 -25.13
C SER A 58 -13.76 -0.53 -24.06
N GLN A 59 -13.66 -1.55 -23.21
CA GLN A 59 -14.73 -1.77 -22.23
C GLN A 59 -14.42 -1.26 -20.82
N LEU A 60 -13.16 -1.35 -20.41
CA LEU A 60 -12.72 -1.01 -19.07
C LEU A 60 -13.67 -1.52 -17.95
N SER A 61 -14.07 -2.79 -18.07
CA SER A 61 -15.18 -3.32 -17.29
C SER A 61 -14.91 -3.29 -15.78
N MET A 62 -13.67 -3.55 -15.39
CA MET A 62 -13.29 -3.58 -13.96
C MET A 62 -12.81 -2.22 -13.41
N LEU A 63 -12.74 -1.21 -14.24
CA LEU A 63 -12.13 0.03 -13.82
C LEU A 63 -12.99 0.77 -12.82
N PRO A 64 -14.31 0.93 -13.07
CA PRO A 64 -15.13 1.62 -12.01
C PRO A 64 -15.03 0.93 -10.63
N HIS A 65 -15.14 -0.39 -10.59
CA HIS A 65 -15.05 -1.08 -9.31
C HIS A 65 -13.64 -0.93 -8.65
N LEU A 66 -12.59 -1.20 -9.42
CA LEU A 66 -11.24 -1.10 -8.88
C LEU A 66 -10.87 0.33 -8.54
N ALA A 67 -11.32 1.28 -9.35
CA ALA A 67 -11.05 2.68 -9.07
C ALA A 67 -11.75 3.08 -7.76
N ASP A 68 -12.98 2.60 -7.52
CA ASP A 68 -13.61 2.82 -6.22
C ASP A 68 -12.82 2.17 -5.05
N LEU A 69 -12.36 0.93 -5.25
CA LEU A 69 -11.54 0.28 -4.23
C LEU A 69 -10.25 1.05 -3.90
N VAL A 70 -9.53 1.54 -4.93
CA VAL A 70 -8.37 2.39 -4.71
C VAL A 70 -8.77 3.72 -4.09
N SER A 71 -9.78 4.34 -4.64
CA SER A 71 -10.29 5.58 -4.02
C SER A 71 -10.57 5.39 -2.51
N TYR A 72 -11.37 4.37 -2.17
CA TYR A 72 -11.74 4.01 -0.79
C TYR A 72 -10.49 3.76 0.04
N SER A 73 -9.55 3.01 -0.53
CA SER A 73 -8.31 2.76 0.21
C SER A 73 -7.44 4.05 0.40
N ILE A 74 -7.36 4.94 -0.59
CA ILE A 74 -6.62 6.16 -0.33
C ILE A 74 -7.23 6.87 0.89
N GLN A 75 -8.56 6.97 0.94
CA GLN A 75 -9.24 7.56 2.10
C GLN A 75 -8.82 6.89 3.40
N LYS A 76 -8.69 5.56 3.39
CA LYS A 76 -8.34 4.79 4.59
C LYS A 76 -6.89 5.09 4.97
N VAL A 77 -6.05 5.24 3.96
CA VAL A 77 -4.64 5.58 4.16
C VAL A 77 -4.44 6.99 4.72
N ILE A 78 -5.13 8.00 4.15
CA ILE A 78 -5.11 9.37 4.72
C ILE A 78 -5.44 9.30 6.23
N GLY A 79 -6.53 8.59 6.55
CA GLY A 79 -6.92 8.33 7.93
C GLY A 79 -5.82 7.65 8.74
N PHE A 80 -5.21 6.60 8.17
CA PHE A 80 -4.09 5.92 8.81
C PHE A 80 -2.88 6.87 9.08
N ALA A 81 -2.41 7.57 8.04
CA ALA A 81 -1.40 8.65 8.18
C ALA A 81 -1.63 9.60 9.37
N LYS A 82 -2.84 10.11 9.53
CA LYS A 82 -3.15 11.11 10.58
C LYS A 82 -2.81 10.63 11.99
N MET A 83 -2.87 9.31 12.20
CA MET A 83 -2.60 8.71 13.51
C MET A 83 -1.18 8.18 13.67
N ILE A 84 -0.33 8.28 12.64
CA ILE A 84 1.10 8.02 12.79
C ILE A 84 1.69 9.10 13.71
N PRO A 85 2.31 8.71 14.85
CA PRO A 85 2.85 9.72 15.77
C PRO A 85 3.89 10.61 15.07
N GLY A 86 3.68 11.92 15.15
CA GLY A 86 4.55 12.89 14.48
C GLY A 86 3.95 13.43 13.20
N PHE A 87 3.12 12.63 12.53
CA PHE A 87 2.65 13.02 11.22
C PHE A 87 1.98 14.42 11.25
N ARG A 88 1.20 14.66 12.30
CA ARG A 88 0.51 15.95 12.48
C ARG A 88 1.46 17.16 12.64
N ASP A 89 2.62 16.96 13.25
CA ASP A 89 3.65 18.03 13.34
C ASP A 89 4.22 18.55 11.99
N LEU A 90 4.03 17.81 10.90
CA LEU A 90 4.44 18.29 9.58
C LEU A 90 3.48 19.36 9.11
N THR A 91 3.97 20.27 8.27
CA THR A 91 3.09 21.24 7.63
C THR A 91 2.14 20.41 6.80
N SER A 92 0.93 20.91 6.58
CA SER A 92 -0.01 20.14 5.79
C SER A 92 0.47 19.99 4.34
N GLU A 93 1.29 20.92 3.88
CA GLU A 93 1.78 20.85 2.49
C GLU A 93 2.62 19.59 2.31
N ASP A 94 3.48 19.33 3.29
CA ASP A 94 4.29 18.12 3.34
C ASP A 94 3.50 16.85 3.59
N GLN A 95 2.44 16.93 4.42
CA GLN A 95 1.55 15.78 4.63
C GLN A 95 0.94 15.36 3.31
N ILE A 96 0.56 16.34 2.50
CA ILE A 96 -0.03 16.08 1.20
C ILE A 96 0.99 15.53 0.20
N VAL A 97 2.20 16.07 0.17
CA VAL A 97 3.23 15.48 -0.71
C VAL A 97 3.39 13.99 -0.40
N LEU A 98 3.51 13.67 0.90
CA LEU A 98 3.79 12.32 1.32
C LEU A 98 2.66 11.34 1.02
N LEU A 99 1.42 11.80 1.20
CA LEU A 99 0.26 10.96 0.92
C LEU A 99 0.12 10.73 -0.58
N LYS A 100 0.27 11.78 -1.35
CA LYS A 100 0.12 11.64 -2.77
C LYS A 100 1.16 10.72 -3.32
N SER A 101 2.41 10.86 -2.89
CA SER A 101 3.42 10.00 -3.50
C SER A 101 3.46 8.55 -2.95
N SER A 102 2.92 8.32 -1.74
CA SER A 102 2.96 6.97 -1.13
C SER A 102 1.66 6.15 -1.30
N ALA A 103 0.55 6.85 -1.53
CA ALA A 103 -0.77 6.22 -1.67
C ALA A 103 -0.79 4.87 -2.36
N ILE A 104 -0.15 4.76 -3.53
CA ILE A 104 -0.15 3.48 -4.27
C ILE A 104 0.82 2.48 -3.67
N GLU A 105 1.89 2.93 -3.06
CA GLU A 105 2.76 1.97 -2.38
C GLU A 105 2.05 1.35 -1.15
N VAL A 106 1.33 2.18 -0.40
CA VAL A 106 0.70 1.71 0.84
C VAL A 106 -0.46 0.78 0.55
N ILE A 107 -1.17 1.08 -0.54
CA ILE A 107 -2.23 0.22 -1.05
C ILE A 107 -1.62 -1.12 -1.39
N MET A 108 -0.40 -1.06 -1.91
CA MET A 108 0.29 -2.27 -2.30
C MET A 108 0.69 -3.05 -1.06
N LEU A 109 1.27 -2.41 -0.05
CA LEU A 109 1.51 -3.12 1.22
C LEU A 109 0.22 -3.61 1.88
N ARG A 110 -0.77 -2.73 2.06
CA ARG A 110 -1.95 -3.11 2.86
C ARG A 110 -2.72 -4.27 2.28
N SER A 111 -2.77 -4.30 0.95
CA SER A 111 -3.48 -5.32 0.18
C SER A 111 -2.97 -6.71 0.46
N ASN A 112 -1.77 -6.79 1.01
CA ASN A 112 -1.17 -8.08 1.35
C ASN A 112 -1.94 -8.88 2.41
N GLU A 113 -2.80 -8.19 3.17
CA GLU A 113 -3.67 -8.81 4.15
C GLU A 113 -4.77 -9.62 3.47
N SER A 114 -5.10 -9.32 2.21
CA SER A 114 -6.10 -10.07 1.44
C SER A 114 -5.47 -10.95 0.39
N PHE A 115 -4.21 -10.73 0.08
CA PHE A 115 -3.54 -11.60 -0.86
C PHE A 115 -3.38 -12.98 -0.25
N THR A 116 -3.82 -14.00 -1.00
CA THR A 116 -3.57 -15.38 -0.61
C THR A 116 -2.76 -16.16 -1.67
N MET A 117 -1.79 -16.92 -1.16
CA MET A 117 -1.00 -17.82 -1.94
C MET A 117 -1.72 -19.08 -2.36
N ASP A 118 -2.92 -19.31 -1.83
CA ASP A 118 -3.79 -20.40 -2.32
C ASP A 118 -3.90 -20.32 -3.86
N ASP A 119 -4.33 -19.18 -4.40
CA ASP A 119 -4.51 -19.06 -5.86
C ASP A 119 -3.91 -17.77 -6.41
N MET A 120 -3.09 -17.12 -5.60
CA MET A 120 -2.42 -15.91 -6.02
C MET A 120 -3.41 -14.80 -6.39
N SER A 121 -4.38 -14.58 -5.53
CA SER A 121 -5.39 -13.57 -5.76
C SER A 121 -5.57 -12.75 -4.47
N TRP A 122 -6.23 -11.60 -4.58
CA TRP A 122 -6.64 -10.84 -3.42
C TRP A 122 -8.09 -11.24 -3.17
N THR A 123 -8.32 -12.00 -2.11
CA THR A 123 -9.63 -12.59 -1.84
C THR A 123 -10.36 -11.76 -0.80
N CYS A 124 -11.28 -10.94 -1.27
CA CYS A 124 -12.09 -10.15 -0.38
C CYS A 124 -13.54 -10.63 -0.28
N GLY A 125 -13.78 -11.91 -0.59
CA GLY A 125 -15.15 -12.50 -0.66
C GLY A 125 -15.16 -14.03 -0.77
N ASN A 126 -16.21 -14.66 -1.27
CA ASN A 126 -17.24 -14.08 -2.13
C ASN A 126 -16.64 -13.76 -3.48
N GLN A 127 -16.63 -14.78 -4.34
CA GLN A 127 -16.20 -14.70 -5.75
C GLN A 127 -16.19 -13.30 -6.42
N ASP A 128 -17.21 -12.46 -6.22
CA ASP A 128 -17.24 -11.11 -6.83
C ASP A 128 -16.09 -10.20 -6.38
N TYR A 129 -15.66 -10.33 -5.13
CA TYR A 129 -14.55 -9.50 -4.63
C TYR A 129 -13.25 -10.31 -4.45
N LYS A 130 -13.15 -11.37 -5.24
CA LYS A 130 -11.89 -12.05 -5.48
C LYS A 130 -11.25 -11.33 -6.68
N TYR A 131 -10.05 -10.80 -6.48
CA TYR A 131 -9.38 -10.08 -7.56
C TYR A 131 -8.15 -10.82 -8.05
N ARG A 132 -8.12 -11.09 -9.35
CA ARG A 132 -7.01 -11.78 -10.03
C ARG A 132 -6.30 -10.87 -11.02
N VAL A 133 -5.14 -11.33 -11.48
CA VAL A 133 -4.40 -10.74 -12.60
C VAL A 133 -5.32 -10.25 -13.72
N SER A 134 -6.32 -11.06 -14.03
CA SER A 134 -7.11 -10.87 -15.23
C SER A 134 -8.10 -9.71 -15.05
N ASP A 135 -8.42 -9.40 -13.78
CA ASP A 135 -9.26 -8.24 -13.45
C ASP A 135 -8.46 -6.95 -13.56
N VAL A 136 -7.18 -7.03 -13.22
CA VAL A 136 -6.29 -5.89 -13.33
C VAL A 136 -6.16 -5.50 -14.78
N THR A 137 -5.89 -6.48 -15.65
CA THR A 137 -5.88 -6.27 -17.10
C THR A 137 -7.24 -5.77 -17.61
N LYS A 138 -8.33 -6.22 -17.01
CA LYS A 138 -9.65 -5.64 -17.32
C LYS A 138 -9.87 -4.22 -16.81
N ALA A 139 -8.94 -3.70 -16.01
CA ALA A 139 -8.97 -2.28 -15.65
C ALA A 139 -8.02 -1.46 -16.54
N GLY A 140 -7.43 -2.10 -17.55
CA GLY A 140 -6.56 -1.42 -18.52
C GLY A 140 -5.06 -1.32 -18.22
N HIS A 141 -4.58 -2.06 -17.23
CA HIS A 141 -3.15 -2.12 -16.96
C HIS A 141 -2.54 -3.34 -17.65
N SER A 142 -1.21 -3.40 -17.72
CA SER A 142 -0.55 -4.48 -18.44
C SER A 142 0.35 -5.30 -17.51
N LEU A 143 0.85 -6.42 -18.06
CA LEU A 143 1.64 -7.42 -17.34
C LEU A 143 2.91 -6.84 -16.73
N GLU A 144 3.45 -5.81 -17.39
CA GLU A 144 4.66 -5.15 -16.91
C GLU A 144 4.51 -4.52 -15.51
N LEU A 145 3.28 -4.23 -15.09
CA LEU A 145 3.01 -3.81 -13.70
C LEU A 145 2.48 -4.99 -12.89
N ILE A 146 1.56 -5.75 -13.50
CA ILE A 146 0.84 -6.82 -12.81
C ILE A 146 1.75 -7.94 -12.31
N GLU A 147 2.69 -8.36 -13.15
CA GLU A 147 3.50 -9.51 -12.74
C GLU A 147 4.52 -9.28 -11.63
N PRO A 148 5.28 -8.17 -11.68
CA PRO A 148 6.09 -7.77 -10.51
C PRO A 148 5.25 -7.44 -9.27
N LEU A 149 4.01 -6.98 -9.47
CA LEU A 149 3.15 -6.67 -8.35
C LEU A 149 2.84 -7.98 -7.64
N ILE A 150 2.62 -9.05 -8.41
CA ILE A 150 2.41 -10.39 -7.84
C ILE A 150 3.69 -11.01 -7.24
N LYS A 151 4.88 -10.80 -7.84
CA LYS A 151 6.16 -11.23 -7.19
C LYS A 151 6.26 -10.47 -5.87
N PHE A 152 5.94 -9.20 -5.89
CA PHE A 152 6.13 -8.41 -4.71
C PHE A 152 5.22 -8.96 -3.64
N GLN A 153 3.97 -9.26 -4.00
CA GLN A 153 2.98 -9.69 -2.99
C GLN A 153 3.42 -10.98 -2.33
N VAL A 154 3.92 -11.92 -3.14
CA VAL A 154 4.40 -13.22 -2.67
C VAL A 154 5.66 -13.07 -1.82
N GLY A 155 6.61 -12.30 -2.33
CA GLY A 155 7.85 -11.99 -1.62
C GLY A 155 7.50 -11.51 -0.24
N LEU A 156 6.47 -10.67 -0.17
CA LEU A 156 6.01 -10.07 1.07
C LEU A 156 5.25 -11.06 1.98
N LYS A 157 4.34 -11.87 1.47
CA LYS A 157 3.76 -12.96 2.30
C LYS A 157 4.81 -13.86 2.94
N LYS A 158 5.88 -14.15 2.22
CA LYS A 158 6.88 -15.10 2.72
C LYS A 158 7.72 -14.52 3.84
N LEU A 159 7.77 -13.19 4.01
CA LEU A 159 8.35 -12.64 5.23
C LEU A 159 7.59 -13.04 6.54
N ASN A 160 6.32 -13.41 6.44
CA ASN A 160 5.49 -13.75 7.61
C ASN A 160 5.60 -12.63 8.66
N LEU A 161 5.30 -11.40 8.26
CA LEU A 161 5.44 -10.25 9.16
C LEU A 161 4.48 -10.31 10.32
N HIS A 162 4.95 -10.04 11.52
CA HIS A 162 4.02 -9.77 12.61
C HIS A 162 3.22 -8.56 12.20
N GLU A 163 1.96 -8.50 12.62
CA GLU A 163 1.18 -7.28 12.33
C GLU A 163 1.88 -6.00 12.81
N GLU A 164 2.64 -6.10 13.90
CA GLU A 164 3.43 -4.96 14.43
C GLU A 164 4.41 -4.44 13.38
N GLU A 165 5.08 -5.36 12.69
CA GLU A 165 6.01 -4.96 11.64
C GLU A 165 5.30 -4.46 10.39
N HIS A 166 4.15 -5.04 10.11
CA HIS A 166 3.38 -4.70 8.93
C HIS A 166 2.90 -3.25 9.04
N VAL A 167 2.36 -2.88 10.18
CA VAL A 167 1.91 -1.48 10.31
C VAL A 167 3.09 -0.50 10.38
N LEU A 168 4.18 -0.95 10.98
CA LEU A 168 5.39 -0.12 11.06
C LEU A 168 5.99 0.16 9.66
N LEU A 169 5.98 -0.87 8.79
CA LEU A 169 6.44 -0.75 7.42
C LEU A 169 5.56 0.21 6.61
N MET A 170 4.23 0.11 6.71
CA MET A 170 3.40 1.15 6.06
C MET A 170 3.68 2.57 6.59
N ALA A 171 3.86 2.70 7.91
CA ALA A 171 4.17 4.02 8.48
C ALA A 171 5.53 4.55 7.97
N ILE A 172 6.55 3.71 7.98
CA ILE A 172 7.84 4.10 7.44
C ILE A 172 7.69 4.50 5.98
N CYS A 173 7.00 3.67 5.20
CA CYS A 173 6.75 3.98 3.81
C CYS A 173 6.20 5.39 3.63
N ILE A 174 5.18 5.76 4.40
CA ILE A 174 4.48 7.04 4.20
C ILE A 174 5.39 8.20 4.57
N VAL A 175 6.08 8.06 5.69
CA VAL A 175 6.93 9.14 6.18
C VAL A 175 8.37 9.00 5.63
N SER A 176 8.54 9.20 4.33
CA SER A 176 9.85 9.03 3.66
C SER A 176 10.41 10.40 3.34
N PRO A 177 11.60 10.73 3.85
CA PRO A 177 12.08 12.09 3.61
C PRO A 177 12.47 12.40 2.16
N ASP A 178 12.74 11.37 1.37
CA ASP A 178 13.24 11.55 0.02
C ASP A 178 12.11 11.36 -1.01
N ARG A 179 11.16 12.31 -1.00
CA ARG A 179 10.04 12.30 -1.91
C ARG A 179 10.04 13.61 -2.69
N PRO A 180 9.77 13.54 -3.98
CA PRO A 180 9.71 14.79 -4.75
C PRO A 180 8.83 15.85 -4.06
N GLY A 181 9.41 16.98 -3.72
CA GLY A 181 8.65 18.15 -3.29
C GLY A 181 8.52 18.38 -1.80
N VAL A 182 9.16 17.55 -0.98
CA VAL A 182 9.12 17.79 0.48
C VAL A 182 9.93 19.04 0.85
N GLN A 183 9.43 19.77 1.82
CA GLN A 183 10.09 20.92 2.42
C GLN A 183 11.03 20.47 3.52
N ASP A 184 10.45 20.17 4.67
CA ASP A 184 11.22 19.88 5.83
C ASP A 184 11.65 18.42 5.86
N ALA A 185 12.54 18.07 4.93
CA ALA A 185 13.10 16.71 4.86
C ALA A 185 13.65 16.22 6.19
N ALA A 186 14.13 17.14 7.02
CA ALA A 186 14.76 16.79 8.30
C ALA A 186 13.74 16.31 9.31
N LEU A 187 12.57 16.97 9.35
CA LEU A 187 11.52 16.55 10.26
C LEU A 187 11.08 15.14 9.87
N ILE A 188 10.73 14.96 8.60
CA ILE A 188 10.28 13.67 8.10
C ILE A 188 11.31 12.58 8.44
N GLU A 189 12.59 12.87 8.27
CA GLU A 189 13.61 11.88 8.60
C GLU A 189 13.55 11.54 10.07
N ALA A 190 13.31 12.57 10.90
CA ALA A 190 13.30 12.44 12.36
C ALA A 190 12.13 11.58 12.79
N ILE A 191 10.99 11.80 12.13
CA ILE A 191 9.80 10.99 12.31
C ILE A 191 10.05 9.58 11.80
N GLN A 192 10.60 9.46 10.61
CA GLN A 192 10.84 8.14 10.03
C GLN A 192 11.80 7.34 10.89
N ASP A 193 12.86 8.00 11.38
CA ASP A 193 13.87 7.35 12.23
C ASP A 193 13.28 6.84 13.54
N ARG A 194 12.35 7.60 14.12
CA ARG A 194 11.61 7.12 15.30
C ARG A 194 10.88 5.80 14.99
N LEU A 195 10.37 5.67 13.77
CA LEU A 195 9.65 4.47 13.35
C LEU A 195 10.60 3.28 13.04
N SER A 196 11.69 3.53 12.31
CA SER A 196 12.64 2.50 11.94
C SER A 196 13.30 1.89 13.17
N ASN A 197 13.76 2.76 14.09
CA ASN A 197 14.41 2.29 15.31
C ASN A 197 13.49 1.40 16.12
N THR A 198 12.22 1.80 16.21
CA THR A 198 11.17 0.99 16.82
C THR A 198 11.12 -0.35 16.10
N LEU A 199 11.03 -0.31 14.77
CA LEU A 199 11.04 -1.52 13.96
C LEU A 199 12.28 -2.39 14.15
N GLN A 200 13.47 -1.78 14.15
CA GLN A 200 14.71 -2.56 14.34
C GLN A 200 14.74 -3.19 15.71
N THR A 201 14.31 -2.44 16.72
CA THR A 201 14.26 -2.96 18.08
C THR A 201 13.28 -4.11 18.20
N TYR A 202 12.06 -3.90 17.71
CA TYR A 202 11.03 -4.94 17.76
C TYR A 202 11.57 -6.26 17.15
N ILE A 203 12.09 -6.19 15.92
CA ILE A 203 12.59 -7.38 15.19
C ILE A 203 13.60 -8.20 16.01
N ARG A 204 14.50 -7.51 16.70
CA ARG A 204 15.49 -8.19 17.53
C ARG A 204 15.02 -8.63 18.94
N CYS A 205 13.86 -8.15 19.40
CA CYS A 205 13.27 -8.60 20.67
C CYS A 205 12.30 -9.74 20.49
N ARG A 206 11.44 -9.57 19.48
CA ARG A 206 10.16 -10.28 19.37
C ARG A 206 10.06 -11.15 18.15
N HIS A 207 11.08 -11.13 17.28
CA HIS A 207 11.01 -12.00 16.12
C HIS A 207 11.98 -13.14 16.24
N PRO A 208 11.46 -14.38 16.33
CA PRO A 208 12.28 -15.62 16.31
C PRO A 208 12.62 -16.06 14.88
N PRO A 209 13.53 -17.06 14.70
CA PRO A 209 14.52 -17.66 15.59
C PRO A 209 15.03 -16.84 16.80
N PRO A 210 15.80 -15.73 16.60
CA PRO A 210 16.30 -15.04 15.41
C PRO A 210 17.73 -15.37 14.97
N GLY A 211 17.87 -15.64 13.66
CA GLY A 211 19.12 -15.44 12.94
C GLY A 211 18.89 -14.21 12.07
N SER A 212 17.61 -13.81 11.99
CA SER A 212 17.16 -12.67 11.17
C SER A 212 17.45 -11.28 11.79
N HIS A 213 18.72 -10.85 11.67
CA HIS A 213 19.07 -9.43 11.55
C HIS A 213 18.78 -9.10 10.07
N LEU A 214 18.71 -10.21 9.30
CA LEU A 214 18.25 -10.26 7.93
C LEU A 214 16.88 -9.57 7.69
N LEU A 215 15.92 -9.72 8.59
CA LEU A 215 14.55 -9.27 8.29
C LEU A 215 14.41 -7.76 8.00
N TYR A 216 15.00 -6.91 8.83
CA TYR A 216 14.99 -5.48 8.55
C TYR A 216 15.45 -5.16 7.13
N ALA A 217 16.55 -5.77 6.71
CA ALA A 217 17.13 -5.49 5.37
C ALA A 217 16.15 -5.87 4.27
N LYS A 218 15.49 -7.01 4.45
CA LYS A 218 14.52 -7.51 3.50
C LYS A 218 13.31 -6.60 3.42
N MET A 219 12.95 -6.00 4.56
CA MET A 219 11.84 -5.06 4.62
C MET A 219 12.20 -3.76 3.90
N ILE A 220 13.43 -3.28 4.11
CA ILE A 220 13.90 -2.06 3.46
C ILE A 220 13.96 -2.24 1.94
N GLN A 221 14.41 -3.41 1.50
CA GLN A 221 14.38 -3.78 0.10
C GLN A 221 12.95 -3.77 -0.48
N LYS A 222 11.96 -4.23 0.31
CA LYS A 222 10.56 -4.11 -0.11
C LYS A 222 10.11 -2.65 -0.38
N LEU A 223 10.55 -1.72 0.48
CA LEU A 223 10.33 -0.29 0.20
C LEU A 223 10.93 0.04 -1.15
N ALA A 224 12.07 -0.54 -1.48
CA ALA A 224 12.70 -0.21 -2.76
C ALA A 224 11.94 -0.83 -3.94
N ASP A 225 11.46 -2.07 -3.83
CA ASP A 225 10.62 -2.65 -4.91
C ASP A 225 9.40 -1.76 -5.15
N LEU A 226 8.82 -1.26 -4.05
CA LEU A 226 7.64 -0.42 -4.11
C LEU A 226 7.86 0.81 -5.01
N ARG A 227 9.06 1.42 -4.94
CA ARG A 227 9.36 2.60 -5.76
C ARG A 227 9.28 2.32 -7.25
N SER A 228 9.81 1.16 -7.66
CA SER A 228 9.72 0.71 -9.05
C SER A 228 8.29 0.49 -9.48
N LEU A 229 7.50 -0.22 -8.67
CA LEU A 229 6.10 -0.45 -9.00
C LEU A 229 5.34 0.85 -9.15
N ASN A 230 5.57 1.76 -8.22
CA ASN A 230 4.98 3.11 -8.19
C ASN A 230 5.22 3.83 -9.52
N GLU A 231 6.47 3.79 -10.00
CA GLU A 231 6.86 4.49 -11.23
C GLU A 231 6.17 3.83 -12.41
N GLU A 232 5.99 2.51 -12.33
CA GLU A 232 5.32 1.76 -13.40
C GLU A 232 3.81 1.96 -13.31
N HIS A 233 3.26 1.94 -12.11
CA HIS A 233 1.85 2.28 -12.02
C HIS A 233 1.58 3.64 -12.69
N SER A 234 2.41 4.63 -12.35
CA SER A 234 2.26 5.99 -12.82
C SER A 234 2.36 6.10 -14.33
N LYS A 235 3.36 5.44 -14.93
CA LYS A 235 3.50 5.28 -16.38
C LYS A 235 2.18 4.80 -17.00
N GLN A 236 1.63 3.73 -16.43
CA GLN A 236 0.47 3.06 -16.99
C GLN A 236 -0.86 3.80 -16.75
N TYR A 237 -0.90 4.59 -15.69
CA TYR A 237 -2.04 5.43 -15.37
C TYR A 237 -2.17 6.55 -16.42
N ARG A 238 -1.06 7.21 -16.66
CA ARG A 238 -0.88 8.26 -17.69
C ARG A 238 -1.44 7.82 -19.06
N CYS A 239 -1.13 6.59 -19.47
CA CYS A 239 -1.70 6.01 -20.70
C CYS A 239 -3.16 5.63 -20.61
N LEU A 240 -3.52 5.03 -19.47
CA LEU A 240 -4.93 4.77 -19.16
C LEU A 240 -5.76 6.05 -19.29
N SER A 241 -5.25 7.17 -18.81
CA SER A 241 -6.06 8.37 -18.88
C SER A 241 -6.22 8.94 -20.33
N PHE A 242 -5.40 8.49 -21.26
CA PHE A 242 -5.58 8.87 -22.67
C PHE A 242 -6.86 8.29 -23.28
N GLN A 243 -7.42 7.24 -22.66
CA GLN A 243 -8.72 6.68 -23.02
C GLN A 243 -9.89 7.69 -22.82
N PRO A 244 -10.55 8.08 -23.92
CA PRO A 244 -11.72 8.98 -23.86
C PRO A 244 -12.82 8.58 -22.88
N GLU A 245 -13.25 9.54 -22.06
CA GLU A 245 -14.31 9.36 -21.03
C GLU A 245 -13.84 8.42 -19.90
N CYS A 246 -12.52 8.28 -19.77
CA CYS A 246 -11.90 7.45 -18.72
C CYS A 246 -12.08 8.04 -17.32
N SER A 247 -12.13 9.37 -17.28
CA SER A 247 -12.22 10.11 -16.05
C SER A 247 -13.53 9.77 -15.30
N MET A 248 -14.61 9.53 -16.05
CA MET A 248 -15.92 9.14 -15.51
C MET A 248 -15.84 7.82 -14.76
N LYS A 249 -14.91 6.95 -15.15
CA LYS A 249 -14.71 5.62 -14.54
C LYS A 249 -13.78 5.67 -13.31
N LEU A 250 -13.26 6.86 -13.02
CA LEU A 250 -12.38 7.05 -11.90
C LEU A 250 -13.14 7.74 -10.76
N THR A 251 -12.45 8.39 -9.82
CA THR A 251 -13.09 9.27 -8.81
C THR A 251 -12.30 10.58 -8.72
N PRO A 252 -12.94 11.70 -8.30
CA PRO A 252 -12.13 12.93 -8.16
C PRO A 252 -10.80 12.73 -7.44
N LEU A 253 -10.78 11.91 -6.38
CA LEU A 253 -9.60 11.63 -5.55
C LEU A 253 -8.52 10.81 -6.27
N VAL A 254 -8.93 9.79 -7.02
CA VAL A 254 -8.00 9.06 -7.89
C VAL A 254 -7.46 10.00 -8.97
N LEU A 255 -8.28 10.94 -9.44
CA LEU A 255 -7.82 11.92 -10.45
C LEU A 255 -6.68 12.81 -9.93
N GLU A 256 -6.91 13.40 -8.77
CA GLU A 256 -5.97 14.30 -8.14
C GLU A 256 -4.70 13.57 -7.73
N VAL A 257 -4.86 12.48 -6.98
CA VAL A 257 -3.72 11.73 -6.48
C VAL A 257 -2.74 11.28 -7.59
N PHE A 258 -3.27 10.80 -8.72
CA PHE A 258 -2.44 10.22 -9.78
C PHE A 258 -2.26 11.11 -11.05
N GLY A 259 -3.03 12.20 -11.14
CA GLY A 259 -2.96 13.11 -12.31
C GLY A 259 -1.79 14.09 -12.41
C1 EIM B . -5.94 -4.28 -8.22
C2 EIM B . -6.81 -5.22 -7.33
C3 EIM B . -6.11 -5.76 -6.06
C4 EIM B . -5.34 -4.65 -5.35
C5 EIM B . -4.40 -4.00 -6.34
C6 EIM B . -5.19 -3.23 -7.41
C7 EIM B . -3.20 -3.13 -6.11
C8 EIM B . -3.28 -1.83 -6.88
C9 EIM B . -4.01 -2.49 -8.10
C10 EIM B . -5.52 -4.30 -4.06
C11 EIM B . -6.50 -4.97 -3.18
C12 EIM B . -7.06 -4.40 -2.09
C13 EIM B . -8.05 -5.21 -1.28
C14 EIM B . -7.82 -5.06 0.24
C15 EIM B . -7.66 -3.58 0.63
C16 EIM B . -6.58 -2.86 -0.14
C17 EIM B . -6.75 -3.05 -1.62
C18 EIM B . -6.66 -2.02 -2.47
C19 EIM B . -4.31 -1.69 -9.39
C20 EIM B . -6.18 -2.19 -6.82
O21 EIM B . -6.69 -1.48 0.21
O22 EIM B . -6.66 -5.79 0.68
C23 EIM B . -3.16 -1.80 -10.42
C24 EIM B . -4.63 -0.21 -9.19
C25 EIM B . -5.23 0.42 -10.45
C26 EIM B . -5.57 1.87 -10.10
C27 EIM B . -5.87 2.78 -11.27
C28 EIM B . -7.04 2.31 -12.11
C29 EIM B . -6.19 4.16 -10.71
O30 EIM B . -4.72 2.91 -12.12
O31 EIM B . -1.97 -3.59 -5.60
C33 EIM B . -2.15 -4.64 -4.69
#